data_6L2O
#
_entry.id   6L2O
#
_cell.length_a   82.429
_cell.length_b   82.429
_cell.length_c   140.345
_cell.angle_alpha   90.000
_cell.angle_beta   90.000
_cell.angle_gamma   120.000
#
_symmetry.space_group_name_H-M   'P 32 2 1'
#
loop_
_entity.id
_entity.type
_entity.pdbx_description
1 polymer 'RE_R_Pab1 domain-containing protein'
2 polymer "DNA (5'-D(*CP*A*GP*CP*AP*GP*TP*AP*CP*TP*TP*AP*AP*AP*GP*TP*AP*CP*TP*GP*CP*TP*G)-3')"
#
loop_
_entity_poly.entity_id
_entity_poly.type
_entity_poly.pdbx_seq_one_letter_code
_entity_poly.pdbx_strand_id
1 'polypeptide(L)'
;MEASVSFENGKIVVRLPITRPTSKIRVKKIENGVGIPVSTRKKSFPSDENLRDYYIEWQISFARDGKYDYELSRMVRLAH
EHGILTYNDIYELLKFADDVKSYLEDKGIRRESTNEELYGFNIYEDVYPVAKKELPSGEFIGIVLKHAQRAVGYQSMVYV
CIPLTNVEPSLAGRVARRNEVVKYEVPVDLMKELLKAFIIASETHKNDIVKFLRSIIGTS
;
A,B
2 'polydeoxyribonucleotide'
;(DC)(DA)(DG)(DC)(DA)(DG)(DT)(DA)(DC)(DT)(DT)(DA)(DA)(DA)(DG)(DT)(DA)(DC)(DT)(DG)
(DC)(DT)(DG)
;
C
#
# COMPACT_ATOMS: atom_id res chain seq x y z
N MET A 1 -6.29 7.37 16.46
CA MET A 1 -7.64 6.97 16.81
C MET A 1 -7.68 5.52 17.29
N GLU A 2 -8.41 5.27 18.38
CA GLU A 2 -8.51 3.93 18.91
C GLU A 2 -9.97 3.55 19.13
N ALA A 3 -10.24 2.25 18.97
CA ALA A 3 -11.55 1.70 19.26
C ALA A 3 -11.68 1.42 20.75
N SER A 4 -12.84 1.75 21.31
CA SER A 4 -13.08 1.53 22.73
C SER A 4 -13.37 0.06 22.98
N VAL A 5 -12.63 -0.53 23.91
CA VAL A 5 -12.76 -1.94 24.26
C VAL A 5 -13.38 -2.01 25.65
N SER A 6 -14.44 -2.81 25.77
CA SER A 6 -15.16 -2.87 27.04
C SER A 6 -15.69 -4.28 27.26
N PHE A 7 -16.17 -4.50 28.49
CA PHE A 7 -16.87 -5.72 28.87
C PHE A 7 -18.26 -5.32 29.38
N GLU A 8 -19.28 -6.05 28.94
CA GLU A 8 -20.66 -5.76 29.34
C GLU A 8 -21.51 -7.01 29.13
N ASN A 9 -22.24 -7.41 30.17
CA ASN A 9 -23.26 -8.45 30.08
C ASN A 9 -22.66 -9.77 29.58
N GLY A 10 -21.49 -10.14 30.10
CA GLY A 10 -20.87 -11.39 29.73
C GLY A 10 -20.18 -11.39 28.39
N LYS A 11 -20.02 -10.22 27.76
CA LYS A 11 -19.45 -10.14 26.43
C LYS A 11 -18.36 -9.09 26.38
N ILE A 12 -17.34 -9.36 25.58
CA ILE A 12 -16.37 -8.36 25.16
C ILE A 12 -16.97 -7.62 23.98
N VAL A 13 -17.11 -6.31 24.10
CA VAL A 13 -17.62 -5.51 22.98
C VAL A 13 -16.60 -4.42 22.70
N VAL A 14 -16.52 -4.03 21.42
CA VAL A 14 -15.69 -2.91 21.01
C VAL A 14 -16.55 -1.95 20.20
N ARG A 15 -16.25 -0.67 20.34
CA ARG A 15 -16.98 0.37 19.62
C ARG A 15 -16.13 0.82 18.43
N LEU A 16 -16.68 0.70 17.23
CA LEU A 16 -15.95 0.92 16.00
C LEU A 16 -16.46 2.17 15.32
N PRO A 17 -15.60 3.17 15.09
CA PRO A 17 -16.08 4.37 14.38
C PRO A 17 -16.34 4.05 12.93
N ILE A 18 -17.40 4.63 12.39
CA ILE A 18 -17.78 4.39 11.01
C ILE A 18 -17.69 5.65 10.16
N THR A 19 -17.21 6.75 10.71
CA THR A 19 -17.04 7.98 9.95
C THR A 19 -15.57 8.41 9.93
N ARG A 20 -14.65 7.45 9.96
CA ARG A 20 -13.21 7.72 9.84
C ARG A 20 -12.63 6.86 8.73
N PRO A 21 -12.95 7.17 7.47
CA PRO A 21 -12.57 6.28 6.36
C PRO A 21 -11.08 6.22 6.09
N THR A 22 -10.26 7.07 6.70
CA THR A 22 -8.82 7.01 6.53
C THR A 22 -8.10 6.37 7.70
N SER A 23 -8.84 5.84 8.68
CA SER A 23 -8.24 5.19 9.83
C SER A 23 -8.04 3.71 9.54
N LYS A 24 -7.54 2.97 10.54
CA LYS A 24 -7.43 1.53 10.40
C LYS A 24 -8.76 0.82 10.57
N ILE A 25 -9.83 1.57 10.83
CA ILE A 25 -11.19 1.04 10.90
C ILE A 25 -11.98 1.80 9.85
N ARG A 26 -12.39 1.10 8.79
CA ARG A 26 -13.07 1.75 7.68
C ARG A 26 -14.20 0.86 7.20
N VAL A 27 -15.27 1.49 6.74
CA VAL A 27 -16.43 0.77 6.22
C VAL A 27 -16.23 0.53 4.73
N LYS A 28 -16.35 -0.71 4.31
CA LYS A 28 -16.18 -1.08 2.92
C LYS A 28 -17.43 -1.75 2.40
N LYS A 29 -17.53 -1.80 1.08
CA LYS A 29 -18.60 -2.50 0.37
C LYS A 29 -17.94 -3.25 -0.78
N ILE A 30 -18.28 -4.53 -0.93
CA ILE A 30 -17.65 -5.34 -1.97
C ILE A 30 -18.43 -5.21 -3.26
N GLU A 31 -17.71 -4.90 -4.34
CA GLU A 31 -18.26 -4.87 -5.69
C GLU A 31 -17.46 -5.88 -6.52
N ASN A 32 -18.07 -7.04 -6.78
CA ASN A 32 -17.48 -8.08 -7.62
C ASN A 32 -16.19 -8.64 -7.02
N GLY A 33 -16.18 -8.82 -5.70
CA GLY A 33 -15.12 -9.55 -5.02
C GLY A 33 -14.01 -8.71 -4.43
N VAL A 34 -14.02 -7.40 -4.65
CA VAL A 34 -13.04 -6.49 -4.08
C VAL A 34 -13.75 -5.57 -3.10
N GLY A 35 -13.04 -5.14 -2.07
CA GLY A 35 -13.59 -4.18 -1.11
C GLY A 35 -13.33 -2.74 -1.54
N ILE A 36 -14.38 -1.93 -1.52
CA ILE A 36 -14.32 -0.53 -1.91
C ILE A 36 -14.81 0.31 -0.75
N PRO A 37 -14.08 1.37 -0.36
CA PRO A 37 -14.52 2.16 0.81
C PRO A 37 -15.78 2.96 0.50
N VAL A 38 -16.44 3.39 1.57
CA VAL A 38 -17.79 3.96 1.49
C VAL A 38 -17.82 5.25 2.31
N SER A 39 -18.29 6.33 1.69
CA SER A 39 -18.50 7.59 2.40
C SER A 39 -19.80 7.45 3.20
N THR A 40 -19.65 7.13 4.50
CA THR A 40 -20.82 6.83 5.32
C THR A 40 -21.65 8.05 5.68
N ARG A 41 -21.19 9.26 5.38
CA ARG A 41 -21.96 10.46 5.71
C ARG A 41 -22.64 11.09 4.50
N LYS A 42 -22.17 10.83 3.28
CA LYS A 42 -22.86 11.34 2.08
C LYS A 42 -23.74 10.24 1.49
N LYS A 43 -23.20 9.04 1.31
CA LYS A 43 -24.00 7.91 0.89
C LYS A 43 -24.70 7.32 2.10
N SER A 44 -26.01 7.21 2.01
CA SER A 44 -26.83 6.65 3.07
C SER A 44 -27.01 5.16 2.81
N PHE A 45 -26.67 4.33 3.82
CA PHE A 45 -26.65 2.88 3.73
C PHE A 45 -27.93 2.32 3.12
N PRO A 46 -27.87 1.18 2.43
CA PRO A 46 -29.08 0.67 1.78
C PRO A 46 -30.03 0.04 2.77
N SER A 47 -31.32 0.17 2.48
CA SER A 47 -32.37 -0.53 3.21
C SER A 47 -32.80 -1.74 2.39
N ASP A 48 -31.91 -2.73 2.31
CA ASP A 48 -32.21 -3.97 1.60
C ASP A 48 -31.19 -5.06 1.90
N GLU A 49 -31.11 -6.05 0.99
CA GLU A 49 -30.25 -7.21 1.17
C GLU A 49 -28.79 -6.93 0.85
N ASN A 50 -28.52 -5.95 -0.01
CA ASN A 50 -27.15 -5.62 -0.39
C ASN A 50 -26.35 -5.09 0.81
N LEU A 51 -27.00 -5.00 1.97
CA LEU A 51 -26.32 -4.53 3.18
C LEU A 51 -25.25 -5.51 3.65
N ARG A 52 -25.42 -6.80 3.34
CA ARG A 52 -24.40 -7.78 3.72
C ARG A 52 -23.10 -7.54 2.96
N ASP A 53 -23.20 -7.04 1.73
CA ASP A 53 -22.00 -6.67 0.98
C ASP A 53 -21.23 -5.54 1.66
N TYR A 54 -21.87 -4.81 2.57
CA TYR A 54 -21.20 -3.80 3.38
C TYR A 54 -20.59 -4.45 4.61
N TYR A 55 -19.43 -3.96 5.02
CA TYR A 55 -18.75 -4.51 6.18
C TYR A 55 -17.76 -3.49 6.71
N ILE A 56 -17.28 -3.75 7.93
CA ILE A 56 -16.25 -2.94 8.57
C ILE A 56 -14.95 -3.72 8.52
N GLU A 57 -13.94 -3.13 7.90
CA GLU A 57 -12.62 -3.73 7.82
C GLU A 57 -11.71 -3.09 8.85
N TRP A 58 -11.17 -3.90 9.76
CA TRP A 58 -10.40 -3.41 10.90
C TRP A 58 -9.02 -4.06 10.88
N GLN A 59 -8.00 -3.24 10.64
CA GLN A 59 -6.62 -3.69 10.77
C GLN A 59 -6.27 -3.74 12.25
N ILE A 60 -6.33 -4.92 12.83
CA ILE A 60 -6.22 -5.11 14.27
C ILE A 60 -4.79 -5.46 14.64
N SER A 61 -4.27 -4.82 15.68
CA SER A 61 -2.94 -5.10 16.18
C SER A 61 -3.03 -5.80 17.53
N PHE A 62 -1.89 -6.34 17.94
CA PHE A 62 -1.79 -7.05 19.22
C PHE A 62 -0.94 -6.33 20.25
N ALA A 63 0.21 -5.80 19.84
CA ALA A 63 1.16 -5.16 20.72
C ALA A 63 1.33 -3.69 20.35
N ARG A 64 1.76 -2.90 21.33
CA ARG A 64 2.07 -1.50 21.11
C ARG A 64 3.14 -1.09 22.10
N ASP A 65 4.23 -0.51 21.59
CA ASP A 65 5.35 -0.07 22.41
C ASP A 65 5.94 -1.22 23.23
N GLY A 66 5.99 -2.40 22.63
CA GLY A 66 6.48 -3.57 23.34
C GLY A 66 5.62 -4.04 24.50
N LYS A 67 4.42 -3.49 24.65
CA LYS A 67 3.50 -3.89 25.69
C LYS A 67 2.25 -4.49 25.06
N TYR A 68 1.56 -5.33 25.82
CA TYR A 68 0.35 -6.00 25.34
C TYR A 68 -0.89 -5.40 25.99
N ASP A 69 -1.04 -4.09 25.80
CA ASP A 69 -2.17 -3.34 26.33
C ASP A 69 -2.78 -2.52 25.20
N TYR A 70 -3.20 -3.22 24.14
CA TYR A 70 -3.61 -2.53 22.93
C TYR A 70 -4.51 -3.46 22.12
N GLU A 71 -5.71 -2.97 21.80
CA GLU A 71 -6.63 -3.66 20.92
C GLU A 71 -6.81 -5.13 21.31
N LEU A 72 -6.25 -6.04 20.51
CA LEU A 72 -6.51 -7.46 20.72
C LEU A 72 -5.99 -7.92 22.08
N SER A 73 -4.88 -7.35 22.55
CA SER A 73 -4.39 -7.75 23.85
C SER A 73 -5.25 -7.21 24.98
N ARG A 74 -5.93 -6.07 24.76
CA ARG A 74 -6.89 -5.57 25.74
C ARG A 74 -8.17 -6.38 25.71
N MET A 75 -8.60 -6.84 24.54
CA MET A 75 -9.78 -7.68 24.47
C MET A 75 -9.52 -9.04 25.12
N VAL A 76 -8.35 -9.62 24.88
CA VAL A 76 -8.07 -10.96 25.37
C VAL A 76 -7.90 -10.95 26.88
N ARG A 77 -7.25 -9.90 27.41
CA ARG A 77 -7.01 -9.85 28.85
C ARG A 77 -8.34 -9.65 29.59
N LEU A 78 -9.20 -8.73 29.11
CA LEU A 78 -10.54 -8.59 29.66
C LEU A 78 -11.31 -9.90 29.54
N ALA A 79 -11.24 -10.57 28.38
CA ALA A 79 -11.90 -11.87 28.24
C ALA A 79 -11.37 -12.85 29.27
N HIS A 80 -10.07 -12.81 29.54
CA HIS A 80 -9.50 -13.69 30.54
C HIS A 80 -10.02 -13.38 31.93
N GLU A 81 -10.04 -12.10 32.30
CA GLU A 81 -10.37 -11.70 33.66
C GLU A 81 -11.84 -11.94 33.99
N HIS A 82 -12.71 -11.98 32.99
CA HIS A 82 -14.13 -12.22 33.21
C HIS A 82 -14.55 -13.63 32.81
N GLY A 83 -13.60 -14.56 32.73
CA GLY A 83 -13.91 -15.96 32.49
C GLY A 83 -14.53 -16.25 31.14
N ILE A 84 -14.41 -15.28 30.21
CA ILE A 84 -14.87 -15.49 28.86
C ILE A 84 -13.89 -16.38 28.10
N LEU A 85 -12.59 -16.19 28.31
CA LEU A 85 -11.55 -17.06 27.78
C LEU A 85 -11.02 -17.90 28.93
N THR A 86 -11.25 -19.22 28.87
CA THR A 86 -10.97 -20.06 30.02
C THR A 86 -9.50 -20.50 30.03
N TYR A 87 -9.16 -21.26 31.07
CA TYR A 87 -7.81 -21.82 31.18
C TYR A 87 -7.53 -22.79 30.04
N ASN A 88 -8.46 -23.71 29.79
CA ASN A 88 -8.30 -24.65 28.69
C ASN A 88 -8.28 -23.93 27.34
N ASP A 89 -9.03 -22.83 27.22
CA ASP A 89 -8.96 -22.03 25.99
C ASP A 89 -7.53 -21.55 25.73
N ILE A 90 -6.89 -20.98 26.76
CA ILE A 90 -5.54 -20.46 26.60
C ILE A 90 -4.54 -21.61 26.49
N TYR A 91 -4.78 -22.70 27.22
CA TYR A 91 -3.91 -23.86 27.13
C TYR A 91 -3.93 -24.45 25.72
N GLU A 92 -5.11 -24.56 25.11
CA GLU A 92 -5.20 -25.09 23.76
C GLU A 92 -4.49 -24.18 22.77
N LEU A 93 -4.53 -22.86 23.00
CA LEU A 93 -3.88 -21.92 22.09
C LEU A 93 -2.37 -22.11 22.11
N LEU A 94 -1.78 -22.27 23.30
CA LEU A 94 -0.34 -22.39 23.40
C LEU A 94 0.16 -23.71 22.84
N LYS A 95 -0.65 -24.78 22.95
CA LYS A 95 -0.30 -26.04 22.33
C LYS A 95 -0.45 -25.97 20.81
N PHE A 96 -1.34 -25.10 20.32
CA PHE A 96 -1.40 -24.85 18.88
C PHE A 96 -0.17 -24.07 18.43
N ALA A 97 0.24 -23.08 19.21
CA ALA A 97 1.42 -22.30 18.86
C ALA A 97 2.69 -23.14 18.92
N ASP A 98 2.75 -24.09 19.86
CA ASP A 98 3.93 -24.94 19.95
C ASP A 98 4.04 -25.88 18.75
N ASP A 99 2.92 -26.24 18.13
CA ASP A 99 2.93 -27.11 16.97
C ASP A 99 3.11 -26.37 15.66
N VAL A 100 2.79 -25.07 15.61
CA VAL A 100 2.95 -24.29 14.39
C VAL A 100 4.43 -24.03 14.16
N LYS A 101 4.93 -24.40 12.98
CA LYS A 101 6.32 -24.17 12.61
C LYS A 101 6.52 -23.54 11.24
N SER A 102 5.47 -23.43 10.41
CA SER A 102 5.53 -22.67 9.17
C SER A 102 4.60 -21.48 9.27
N TYR A 103 4.97 -20.36 8.65
CA TYR A 103 4.28 -19.09 8.85
C TYR A 103 3.95 -18.45 7.51
N LEU A 104 3.04 -17.47 7.54
CA LEU A 104 2.69 -16.78 6.31
C LEU A 104 3.88 -16.04 5.73
N GLU A 105 4.73 -15.47 6.58
CA GLU A 105 5.91 -14.78 6.09
C GLU A 105 6.92 -15.71 5.43
N ASP A 106 6.79 -17.02 5.65
CA ASP A 106 7.67 -17.95 4.95
C ASP A 106 7.41 -17.96 3.45
N LYS A 107 6.23 -17.53 3.01
CA LYS A 107 5.96 -17.47 1.57
C LYS A 107 6.73 -16.36 0.90
N GLY A 108 7.09 -15.31 1.64
CA GLY A 108 7.87 -14.20 1.10
C GLY A 108 7.09 -13.38 0.08
N ILE A 109 7.74 -12.31 -0.37
CA ILE A 109 7.28 -11.50 -1.49
C ILE A 109 8.33 -11.59 -2.59
N ARG A 110 7.89 -11.79 -3.82
CA ARG A 110 8.82 -12.01 -4.92
C ARG A 110 8.40 -11.19 -6.12
N ARG A 111 9.39 -10.73 -6.88
CA ARG A 111 9.15 -10.08 -8.16
C ARG A 111 9.48 -11.09 -9.26
N GLU A 112 8.47 -11.49 -10.02
CA GLU A 112 8.62 -12.53 -11.02
C GLU A 112 8.81 -11.90 -12.40
N SER A 113 9.80 -12.39 -13.13
CA SER A 113 9.99 -11.94 -14.50
C SER A 113 8.89 -12.49 -15.40
N THR A 114 8.65 -11.80 -16.51
CA THR A 114 7.59 -12.17 -17.43
C THR A 114 8.15 -12.29 -18.84
N ASN A 115 7.39 -12.98 -19.69
CA ASN A 115 7.62 -12.94 -21.12
C ASN A 115 6.90 -11.77 -21.77
N GLU A 116 6.33 -10.88 -20.98
CA GLU A 116 5.51 -9.78 -21.46
C GLU A 116 6.29 -8.48 -21.48
N GLU A 117 5.92 -7.62 -22.43
CA GLU A 117 6.53 -6.32 -22.61
C GLU A 117 5.42 -5.34 -22.98
N LEU A 118 5.57 -4.11 -22.51
CA LEU A 118 4.58 -3.06 -22.77
C LEU A 118 5.25 -1.94 -23.52
N TYR A 119 5.30 -2.07 -24.85
CA TYR A 119 5.81 -1.03 -25.75
C TYR A 119 7.17 -0.50 -25.30
N GLY A 120 8.11 -1.42 -25.12
CA GLY A 120 9.46 -1.09 -24.71
C GLY A 120 9.71 -1.12 -23.22
N PHE A 121 8.65 -1.28 -22.41
CA PHE A 121 8.77 -1.32 -20.97
C PHE A 121 8.73 -2.77 -20.48
N ASN A 122 9.73 -3.14 -19.69
CA ASN A 122 9.73 -4.46 -19.08
C ASN A 122 8.55 -4.59 -18.11
N ILE A 123 7.97 -5.78 -18.05
CA ILE A 123 6.80 -6.04 -17.23
C ILE A 123 7.18 -7.07 -16.17
N TYR A 124 6.85 -6.77 -14.91
CA TYR A 124 7.09 -7.67 -13.80
C TYR A 124 5.79 -7.91 -13.05
N GLU A 125 5.73 -9.03 -12.32
CA GLU A 125 4.60 -9.34 -11.46
C GLU A 125 5.10 -9.48 -10.03
N ASP A 126 4.67 -8.56 -9.17
CA ASP A 126 4.96 -8.63 -7.74
C ASP A 126 3.88 -9.48 -7.07
N VAL A 127 4.30 -10.57 -6.43
CA VAL A 127 3.38 -11.55 -5.87
C VAL A 127 3.41 -11.43 -4.35
N TYR A 128 2.27 -11.05 -3.78
CA TYR A 128 2.13 -10.88 -2.34
C TYR A 128 1.24 -11.99 -1.79
N PRO A 129 1.66 -12.68 -0.74
CA PRO A 129 0.82 -13.74 -0.16
C PRO A 129 -0.13 -13.20 0.89
N VAL A 130 -1.37 -13.71 0.87
CA VAL A 130 -2.37 -13.38 1.88
C VAL A 130 -3.00 -14.66 2.39
N ALA A 131 -3.52 -14.60 3.62
CA ALA A 131 -4.22 -15.70 4.26
C ALA A 131 -5.60 -15.21 4.68
N LYS A 132 -6.62 -16.03 4.41
CA LYS A 132 -8.00 -15.65 4.65
C LYS A 132 -8.76 -16.83 5.25
N LYS A 133 -9.64 -16.54 6.20
CA LYS A 133 -10.44 -17.56 6.86
C LYS A 133 -11.79 -16.97 7.20
N GLU A 134 -12.86 -17.64 6.77
CA GLU A 134 -14.21 -17.23 7.09
C GLU A 134 -14.70 -17.99 8.32
N LEU A 135 -15.31 -17.26 9.24
CA LEU A 135 -15.87 -17.90 10.43
C LEU A 135 -17.38 -18.03 10.32
N PRO A 136 -17.96 -19.04 10.96
CA PRO A 136 -19.42 -19.25 10.84
C PRO A 136 -20.24 -18.06 11.29
N SER A 137 -19.72 -17.23 12.19
CA SER A 137 -20.49 -16.07 12.64
C SER A 137 -20.58 -14.98 11.59
N GLY A 138 -19.84 -15.08 10.49
CA GLY A 138 -19.91 -14.12 9.39
C GLY A 138 -18.63 -13.33 9.16
N GLU A 139 -17.79 -13.16 10.17
CA GLU A 139 -16.58 -12.37 10.02
C GLU A 139 -15.56 -13.08 9.14
N PHE A 140 -14.68 -12.28 8.55
CA PHE A 140 -13.53 -12.77 7.82
C PHE A 140 -12.26 -12.33 8.53
N ILE A 141 -11.25 -13.20 8.56
CA ILE A 141 -9.95 -12.87 9.12
C ILE A 141 -8.94 -12.90 8.00
N GLY A 142 -8.20 -11.82 7.84
CA GLY A 142 -7.20 -11.70 6.79
C GLY A 142 -5.82 -11.45 7.37
N ILE A 143 -4.81 -12.02 6.75
CA ILE A 143 -3.40 -11.77 7.06
C ILE A 143 -2.70 -11.47 5.75
N VAL A 144 -2.16 -10.27 5.63
CA VAL A 144 -1.39 -9.89 4.46
C VAL A 144 0.04 -9.68 4.89
N LEU A 145 0.96 -9.96 3.97
CA LEU A 145 2.38 -9.77 4.19
C LEU A 145 2.83 -8.61 3.31
N LYS A 146 3.55 -7.66 3.90
CA LYS A 146 4.13 -6.57 3.13
C LYS A 146 5.58 -6.39 3.56
N HIS A 147 6.30 -5.55 2.81
CA HIS A 147 7.68 -5.24 3.17
C HIS A 147 7.74 -4.32 4.37
N ALA A 148 8.70 -4.60 5.26
CA ALA A 148 9.00 -3.67 6.35
C ALA A 148 9.42 -2.33 5.77
N GLN A 149 8.79 -1.26 6.26
CA GLN A 149 8.95 0.06 5.66
C GLN A 149 10.35 0.61 5.86
N ARG A 150 10.78 0.72 7.11
CA ARG A 150 12.03 1.38 7.47
C ARG A 150 13.22 0.42 7.54
N ALA A 151 13.01 -0.87 7.28
CA ALA A 151 14.10 -1.84 7.39
C ALA A 151 13.82 -3.01 6.46
N VAL A 152 14.82 -3.88 6.31
CA VAL A 152 14.64 -5.07 5.50
C VAL A 152 13.83 -6.10 6.28
N GLY A 153 13.26 -7.05 5.53
CA GLY A 153 12.41 -8.07 6.11
C GLY A 153 10.94 -7.76 5.87
N TYR A 154 10.10 -8.67 6.36
CA TYR A 154 8.67 -8.57 6.18
C TYR A 154 8.00 -8.18 7.50
N GLN A 155 6.83 -7.60 7.39
CA GLN A 155 5.92 -7.43 8.51
C GLN A 155 4.54 -7.89 8.08
N SER A 156 3.85 -8.58 8.98
CA SER A 156 2.54 -9.15 8.68
C SER A 156 1.47 -8.42 9.47
N MET A 157 0.37 -8.10 8.81
CA MET A 157 -0.72 -7.38 9.44
C MET A 157 -1.99 -8.20 9.35
N VAL A 158 -2.75 -8.21 10.44
CA VAL A 158 -3.97 -8.99 10.55
C VAL A 158 -5.16 -8.06 10.36
N TYR A 159 -6.10 -8.48 9.53
CA TYR A 159 -7.36 -7.79 9.33
C TYR A 159 -8.50 -8.68 9.79
N VAL A 160 -9.56 -8.06 10.30
CA VAL A 160 -10.83 -8.74 10.54
C VAL A 160 -11.91 -7.92 9.86
N CYS A 161 -12.75 -8.58 9.06
CA CYS A 161 -13.81 -7.92 8.31
C CYS A 161 -15.15 -8.32 8.91
N ILE A 162 -15.91 -7.34 9.39
CA ILE A 162 -17.09 -7.57 10.20
C ILE A 162 -18.32 -7.15 9.40
N PRO A 163 -19.19 -8.09 9.00
CA PRO A 163 -20.41 -7.69 8.29
C PRO A 163 -21.24 -6.73 9.14
N LEU A 164 -21.87 -5.78 8.45
CA LEU A 164 -22.64 -4.76 9.16
C LEU A 164 -23.82 -5.38 9.89
N THR A 165 -24.31 -6.53 9.42
CA THR A 165 -25.38 -7.25 10.11
C THR A 165 -24.94 -7.80 11.45
N ASN A 166 -23.64 -7.81 11.75
CA ASN A 166 -23.12 -8.36 13.00
C ASN A 166 -22.94 -7.28 14.07
N VAL A 167 -23.31 -6.04 13.79
CA VAL A 167 -23.15 -4.94 14.73
C VAL A 167 -24.50 -4.26 14.92
N GLU A 168 -24.62 -3.55 16.03
CA GLU A 168 -25.78 -2.71 16.31
C GLU A 168 -25.32 -1.28 16.59
N PRO A 169 -26.18 -0.28 16.34
CA PRO A 169 -27.55 -0.42 15.84
C PRO A 169 -27.60 -0.74 14.36
N SER A 170 -28.80 -1.09 13.87
CA SER A 170 -28.99 -1.31 12.45
C SER A 170 -28.92 0.01 11.71
N LEU A 171 -27.93 0.14 10.82
CA LEU A 171 -27.75 1.29 9.97
C LEU A 171 -28.53 1.18 8.66
N ALA A 172 -29.40 0.17 8.54
CA ALA A 172 -30.13 -0.05 7.30
C ALA A 172 -30.97 1.17 6.95
N GLY A 173 -30.81 1.65 5.71
CA GLY A 173 -31.63 2.73 5.21
C GLY A 173 -31.40 4.09 5.81
N ARG A 174 -30.20 4.35 6.32
CA ARG A 174 -29.90 5.64 6.91
C ARG A 174 -28.43 5.97 6.71
N VAL A 175 -28.09 7.23 6.91
CA VAL A 175 -26.73 7.72 6.81
C VAL A 175 -26.12 7.73 8.20
N ALA A 176 -24.80 7.53 8.27
CA ALA A 176 -24.12 7.55 9.56
C ALA A 176 -24.25 8.91 10.22
N ARG A 177 -24.20 8.92 11.54
CA ARG A 177 -24.29 10.17 12.28
C ARG A 177 -22.89 10.72 12.54
N ARG A 178 -22.85 11.98 12.99
CA ARG A 178 -21.59 12.63 13.31
C ARG A 178 -20.88 11.90 14.44
N ASN A 179 -19.62 11.52 14.21
CA ASN A 179 -18.80 10.81 15.18
C ASN A 179 -19.42 9.49 15.62
N GLU A 180 -20.26 8.91 14.77
CA GLU A 180 -20.96 7.68 15.12
C GLU A 180 -19.97 6.53 15.23
N VAL A 181 -19.95 5.90 16.40
CA VAL A 181 -19.28 4.63 16.56
C VAL A 181 -20.35 3.56 16.77
N VAL A 182 -19.95 2.31 16.59
CA VAL A 182 -20.89 1.21 16.45
C VAL A 182 -20.49 0.09 17.41
N LYS A 183 -21.47 -0.56 18.00
CA LYS A 183 -21.21 -1.56 19.03
C LYS A 183 -21.12 -2.94 18.39
N TYR A 184 -20.05 -3.66 18.67
CA TYR A 184 -19.83 -4.99 18.10
C TYR A 184 -19.47 -5.95 19.23
N GLU A 185 -20.36 -6.91 19.48
CA GLU A 185 -20.11 -7.92 20.51
C GLU A 185 -19.22 -9.00 19.92
N VAL A 186 -18.04 -9.18 20.51
CA VAL A 186 -16.99 -10.04 19.96
C VAL A 186 -17.20 -11.47 20.42
N PRO A 187 -17.53 -12.39 19.50
CA PRO A 187 -17.62 -13.80 19.87
C PRO A 187 -16.28 -14.33 20.33
N VAL A 188 -16.31 -15.26 21.29
CA VAL A 188 -15.06 -15.78 21.83
C VAL A 188 -14.28 -16.52 20.75
N ASP A 189 -14.99 -17.20 19.84
CA ASP A 189 -14.33 -17.96 18.79
C ASP A 189 -13.51 -17.06 17.88
N LEU A 190 -14.00 -15.83 17.63
CA LEU A 190 -13.21 -14.91 16.80
C LEU A 190 -11.93 -14.49 17.51
N MET A 191 -11.98 -14.26 18.83
CA MET A 191 -10.76 -13.92 19.56
C MET A 191 -9.75 -15.06 19.49
N LYS A 192 -10.22 -16.30 19.61
CA LYS A 192 -9.30 -17.42 19.50
C LYS A 192 -8.72 -17.52 18.08
N GLU A 193 -9.55 -17.30 17.06
CA GLU A 193 -9.08 -17.35 15.68
C GLU A 193 -8.18 -16.16 15.36
N LEU A 194 -8.43 -15.01 15.99
CA LEU A 194 -7.55 -13.86 15.82
C LEU A 194 -6.18 -14.13 16.43
N LEU A 195 -6.14 -14.74 17.61
CA LEU A 195 -4.86 -15.15 18.19
C LEU A 195 -4.19 -16.19 17.33
N LYS A 196 -4.96 -17.11 16.74
CA LYS A 196 -4.40 -18.09 15.81
C LYS A 196 -3.79 -17.39 14.60
N ALA A 197 -4.50 -16.40 14.06
CA ALA A 197 -3.98 -15.64 12.92
C ALA A 197 -2.63 -15.01 13.24
N PHE A 198 -2.49 -14.40 14.42
CA PHE A 198 -1.19 -13.84 14.79
C PHE A 198 -0.15 -14.93 15.01
N ILE A 199 -0.56 -16.10 15.49
CA ILE A 199 0.40 -17.19 15.71
C ILE A 199 1.00 -17.65 14.39
N ILE A 200 0.17 -17.84 13.35
CA ILE A 200 0.66 -18.35 12.07
C ILE A 200 1.18 -17.25 11.16
N ALA A 201 0.99 -15.98 11.51
CA ALA A 201 1.42 -14.90 10.64
C ALA A 201 2.95 -14.86 10.50
N SER A 202 3.65 -14.84 11.63
CA SER A 202 5.10 -14.84 11.60
C SER A 202 5.60 -15.37 12.94
N GLU A 203 6.87 -15.75 12.96
CA GLU A 203 7.48 -16.20 14.20
C GLU A 203 7.58 -15.06 15.20
N THR A 204 7.78 -13.83 14.73
CA THR A 204 7.82 -12.70 15.64
C THR A 204 6.50 -12.50 16.36
N HIS A 205 5.39 -12.58 15.62
CA HIS A 205 4.08 -12.44 16.24
C HIS A 205 3.78 -13.60 17.20
N LYS A 206 4.17 -14.81 16.81
CA LYS A 206 3.89 -15.97 17.66
C LYS A 206 4.55 -15.82 19.02
N ASN A 207 5.83 -15.43 19.04
CA ASN A 207 6.50 -15.23 20.32
C ASN A 207 5.80 -14.17 21.17
N ASP A 208 5.17 -13.18 20.53
CA ASP A 208 4.40 -12.18 21.28
C ASP A 208 3.13 -12.77 21.86
N ILE A 209 2.41 -13.58 21.07
CA ILE A 209 1.22 -14.24 21.57
C ILE A 209 1.58 -15.22 22.68
N VAL A 210 2.65 -16.01 22.49
CA VAL A 210 3.04 -17.01 23.48
C VAL A 210 3.43 -16.34 24.79
N LYS A 211 4.24 -15.28 24.72
CA LYS A 211 4.69 -14.62 25.94
C LYS A 211 3.54 -13.96 26.66
N PHE A 212 2.53 -13.49 25.92
CA PHE A 212 1.37 -12.88 26.53
C PHE A 212 0.45 -13.94 27.13
N LEU A 213 0.20 -15.02 26.40
CA LEU A 213 -0.68 -16.07 26.90
C LEU A 213 -0.09 -16.77 28.12
N ARG A 214 1.23 -16.99 28.13
CA ARG A 214 1.86 -17.59 29.30
C ARG A 214 1.82 -16.65 30.50
N SER A 215 1.78 -15.34 30.28
CA SER A 215 1.77 -14.40 31.39
C SER A 215 0.42 -14.33 32.10
N ILE A 216 -0.67 -14.65 31.40
CA ILE A 216 -1.99 -14.62 31.99
C ILE A 216 -2.43 -16.02 32.43
N ILE A 217 -1.50 -16.95 32.55
CA ILE A 217 -1.81 -18.32 32.96
C ILE A 217 -0.87 -18.73 34.09
N MET B 1 4.66 20.15 -0.42
CA MET B 1 6.02 20.29 -0.92
C MET B 1 6.05 20.23 -2.44
N GLU B 2 6.86 21.09 -3.06
CA GLU B 2 6.96 21.15 -4.51
C GLU B 2 8.42 21.27 -4.93
N ALA B 3 8.70 20.83 -6.16
CA ALA B 3 10.02 20.95 -6.76
C ALA B 3 9.99 22.00 -7.85
N SER B 4 11.07 22.79 -7.94
CA SER B 4 11.17 23.88 -8.89
C SER B 4 11.89 23.38 -10.14
N VAL B 5 11.31 23.68 -11.29
CA VAL B 5 11.80 23.16 -12.56
C VAL B 5 12.40 24.28 -13.41
N LYS B 11 18.41 23.14 -21.83
CA LYS B 11 18.72 22.23 -20.73
C LYS B 11 17.73 22.38 -19.57
N ILE B 12 16.75 21.48 -19.50
CA ILE B 12 15.74 21.51 -18.45
C ILE B 12 16.37 21.13 -17.11
N VAL B 13 16.11 21.93 -16.09
CA VAL B 13 16.71 21.75 -14.76
C VAL B 13 15.60 21.65 -13.72
N VAL B 14 15.68 20.64 -12.87
CA VAL B 14 14.74 20.50 -11.76
C VAL B 14 15.51 20.47 -10.46
N ARG B 15 14.95 21.11 -9.43
CA ARG B 15 15.54 21.18 -8.10
C ARG B 15 14.69 20.33 -7.17
N LEU B 16 15.30 19.32 -6.56
CA LEU B 16 14.60 18.30 -5.80
C LEU B 16 14.94 18.39 -4.33
N PRO B 17 13.96 18.48 -3.43
CA PRO B 17 14.26 18.42 -2.01
C PRO B 17 14.61 17.00 -1.59
N ILE B 18 15.60 16.88 -0.71
CA ILE B 18 16.11 15.58 -0.29
C ILE B 18 15.98 15.37 1.22
N THR B 19 15.33 16.30 1.92
CA THR B 19 15.16 16.22 3.36
C THR B 19 13.68 16.16 3.72
N ARG B 20 12.89 15.42 2.94
CA ARG B 20 11.46 15.27 3.20
C ARG B 20 11.03 13.86 2.80
N PRO B 21 11.37 12.87 3.62
CA PRO B 21 11.11 11.47 3.24
C PRO B 21 9.63 11.11 3.16
N THR B 22 8.71 11.96 3.64
CA THR B 22 7.28 11.68 3.51
C THR B 22 6.70 12.18 2.20
N SER B 23 7.44 13.02 1.46
CA SER B 23 6.98 13.60 0.20
C SER B 23 6.77 12.59 -0.92
N LYS B 24 6.34 13.09 -2.08
CA LYS B 24 6.44 12.35 -3.32
C LYS B 24 7.89 12.19 -3.77
N ILE B 25 8.82 12.94 -3.17
CA ILE B 25 10.23 12.91 -3.53
C ILE B 25 11.01 12.53 -2.27
N ARG B 26 11.60 11.34 -2.28
CA ARG B 26 12.27 10.82 -1.10
C ARG B 26 13.56 10.11 -1.50
N VAL B 27 14.57 10.22 -0.65
CA VAL B 27 15.85 9.58 -0.88
C VAL B 27 15.77 8.14 -0.41
N LYS B 28 16.27 7.22 -1.24
CA LYS B 28 16.24 5.80 -0.91
C LYS B 28 17.59 5.18 -1.25
N LYS B 29 17.80 3.97 -0.75
CA LYS B 29 19.00 3.21 -1.08
C LYS B 29 18.62 1.76 -1.22
N ILE B 30 19.36 1.05 -2.08
CA ILE B 30 19.09 -0.36 -2.33
C ILE B 30 19.75 -1.17 -1.22
N GLU B 31 18.95 -1.88 -0.44
CA GLU B 31 19.44 -2.76 0.61
C GLU B 31 18.67 -4.05 0.50
N ASN B 32 19.39 -5.15 0.27
CA ASN B 32 18.79 -6.46 0.06
C ASN B 32 17.81 -6.44 -1.12
N GLY B 33 18.08 -5.57 -2.10
CA GLY B 33 17.29 -5.50 -3.31
C GLY B 33 16.02 -4.68 -3.23
N VAL B 34 15.76 -4.00 -2.12
CA VAL B 34 14.54 -3.21 -1.96
C VAL B 34 14.91 -1.78 -1.62
N GLY B 35 14.06 -0.85 -2.06
CA GLY B 35 14.24 0.55 -1.71
C GLY B 35 13.91 0.79 -0.24
N ILE B 36 14.84 1.38 0.50
CA ILE B 36 14.70 1.63 1.93
C ILE B 36 14.82 3.14 2.13
N PRO B 37 13.93 3.77 2.90
CA PRO B 37 14.11 5.19 3.22
C PRO B 37 15.44 5.43 3.90
N VAL B 38 16.08 6.55 3.56
CA VAL B 38 17.36 6.94 4.14
C VAL B 38 17.14 8.18 4.99
N SER B 39 17.73 8.19 6.19
CA SER B 39 17.73 9.37 7.05
C SER B 39 18.88 10.27 6.63
N THR B 40 18.61 11.16 5.66
CA THR B 40 19.64 11.96 5.03
C THR B 40 20.32 12.94 5.97
N ARG B 41 19.85 13.10 7.21
CA ARG B 41 20.40 14.06 8.14
C ARG B 41 21.06 13.46 9.36
N LYS B 42 20.81 12.18 9.66
CA LYS B 42 21.56 11.48 10.68
C LYS B 42 22.72 10.68 10.13
N LYS B 43 22.64 10.22 8.88
CA LYS B 43 23.61 9.30 8.33
C LYS B 43 24.37 9.97 7.19
N SER B 44 25.70 9.98 7.31
CA SER B 44 26.56 10.48 6.23
C SER B 44 26.48 9.52 5.05
N PHE B 45 26.26 10.09 3.87
CA PHE B 45 26.26 9.27 2.67
C PHE B 45 27.65 8.70 2.41
N PRO B 46 27.75 7.47 1.92
CA PRO B 46 29.07 6.88 1.67
C PRO B 46 29.80 7.61 0.56
N SER B 47 31.13 7.66 0.70
CA SER B 47 31.98 8.20 -0.35
C SER B 47 32.52 7.12 -1.28
N ASP B 48 32.32 5.85 -0.95
CA ASP B 48 32.81 4.74 -1.77
C ASP B 48 31.83 4.37 -2.86
N GLU B 49 31.88 3.11 -3.31
CA GLU B 49 31.03 2.66 -4.41
C GLU B 49 29.59 2.41 -3.98
N ASN B 50 29.31 2.37 -2.67
CA ASN B 50 27.94 2.20 -2.20
C ASN B 50 27.05 3.39 -2.54
N LEU B 51 27.63 4.52 -2.95
CA LEU B 51 26.81 5.68 -3.30
C LEU B 51 25.92 5.40 -4.50
N ARG B 52 26.34 4.49 -5.40
CA ARG B 52 25.48 4.15 -6.52
C ARG B 52 24.20 3.47 -6.07
N ASP B 53 24.20 2.86 -4.88
CA ASP B 53 23.00 2.23 -4.35
C ASP B 53 21.95 3.24 -3.91
N TYR B 54 22.31 4.51 -3.77
CA TYR B 54 21.40 5.54 -3.31
C TYR B 54 20.74 6.23 -4.49
N TYR B 55 19.45 6.55 -4.34
CA TYR B 55 18.74 7.23 -5.41
C TYR B 55 17.62 8.07 -4.84
N ILE B 56 17.12 8.99 -5.66
CA ILE B 56 15.95 9.79 -5.34
C ILE B 56 14.77 9.20 -6.08
N GLU B 57 13.69 8.88 -5.36
CA GLU B 57 12.47 8.34 -5.94
C GLU B 57 11.43 9.45 -6.00
N TRP B 58 11.09 9.85 -7.22
CA TRP B 58 10.12 10.90 -7.45
C TRP B 58 8.85 10.27 -8.02
N GLN B 59 7.76 10.38 -7.27
CA GLN B 59 6.43 10.07 -7.77
C GLN B 59 5.97 11.27 -8.56
N ILE B 60 6.25 11.26 -9.84
CA ILE B 60 6.08 12.42 -10.70
C ILE B 60 4.64 12.45 -11.24
N SER B 61 4.08 13.64 -11.34
CA SER B 61 2.72 13.83 -11.83
C SER B 61 2.76 14.48 -13.21
N PHE B 62 1.62 14.44 -13.88
CA PHE B 62 1.49 15.03 -15.21
C PHE B 62 0.76 16.36 -15.21
N ALA B 63 -0.38 16.46 -14.52
CA ALA B 63 -1.19 17.66 -14.51
C ALA B 63 -1.45 18.10 -13.07
N ARG B 64 -1.98 19.31 -12.93
CA ARG B 64 -2.41 19.85 -11.65
C ARG B 64 -3.35 21.02 -11.91
N ASP B 65 -4.46 21.07 -11.16
CA ASP B 65 -5.47 22.13 -11.30
C ASP B 65 -6.06 22.16 -12.71
N GLY B 66 -6.13 21.00 -13.35
CA GLY B 66 -6.75 20.88 -14.66
C GLY B 66 -5.93 21.36 -15.83
N LYS B 67 -4.88 22.14 -15.60
CA LYS B 67 -4.03 22.65 -16.66
C LYS B 67 -2.67 21.98 -16.60
N TYR B 68 -2.02 21.93 -17.75
CA TYR B 68 -0.80 21.12 -17.94
C TYR B 68 0.45 21.98 -17.77
N ASP B 69 0.65 22.49 -16.56
CA ASP B 69 1.83 23.27 -16.22
C ASP B 69 2.32 22.88 -14.83
N TYR B 70 2.68 21.61 -14.67
CA TYR B 70 3.13 21.09 -13.38
C TYR B 70 4.06 19.92 -13.63
N GLU B 71 5.28 20.01 -13.12
CA GLU B 71 6.28 18.94 -13.19
C GLU B 71 6.50 18.50 -14.64
N LEU B 72 6.05 17.30 -15.00
CA LEU B 72 6.37 16.75 -16.31
C LEU B 72 5.78 17.58 -17.44
N SER B 73 4.51 17.97 -17.30
CA SER B 73 3.89 18.81 -18.33
C SER B 73 4.61 20.15 -18.46
N ARG B 74 5.21 20.62 -17.37
CA ARG B 74 5.97 21.86 -17.45
C ARG B 74 7.31 21.64 -18.14
N MET B 75 8.01 20.55 -17.80
CA MET B 75 9.27 20.24 -18.48
C MET B 75 9.04 20.11 -19.98
N VAL B 76 8.03 19.32 -20.38
CA VAL B 76 7.84 19.01 -21.78
C VAL B 76 7.51 20.26 -22.58
N ARG B 77 6.63 21.11 -22.05
CA ARG B 77 6.31 22.34 -22.78
C ARG B 77 7.49 23.29 -22.81
N LEU B 78 8.21 23.41 -21.70
CA LEU B 78 9.39 24.27 -21.67
C LEU B 78 10.52 23.71 -22.52
N ALA B 79 10.55 22.39 -22.71
CA ALA B 79 11.55 21.81 -23.58
C ALA B 79 11.15 21.96 -25.05
N HIS B 80 9.87 21.69 -25.36
CA HIS B 80 9.41 21.83 -26.74
C HIS B 80 9.53 23.26 -27.22
N GLU B 81 9.37 24.23 -26.32
CA GLU B 81 9.47 25.62 -26.75
C GLU B 81 10.88 25.98 -27.17
N HIS B 82 11.87 25.48 -26.43
CA HIS B 82 13.30 25.77 -26.67
C HIS B 82 13.86 25.12 -27.92
N GLY B 83 13.04 24.44 -28.72
CA GLY B 83 13.55 23.59 -29.77
C GLY B 83 14.19 22.31 -29.27
N ILE B 84 14.26 22.11 -27.96
CA ILE B 84 14.82 20.89 -27.40
C ILE B 84 13.99 19.68 -27.84
N LEU B 85 12.67 19.80 -27.78
CA LEU B 85 11.76 18.81 -28.33
C LEU B 85 11.15 19.36 -29.60
N THR B 86 11.41 18.69 -30.72
CA THR B 86 10.99 19.19 -32.02
C THR B 86 9.58 18.73 -32.35
N TYR B 87 9.06 19.24 -33.47
CA TYR B 87 7.76 18.80 -33.96
C TYR B 87 7.72 17.29 -34.17
N ASN B 88 8.78 16.73 -34.77
CA ASN B 88 8.80 15.29 -35.00
C ASN B 88 8.89 14.53 -33.69
N ASP B 89 9.53 15.09 -32.67
CA ASP B 89 9.49 14.48 -31.34
C ASP B 89 8.07 14.35 -30.84
N ILE B 90 7.24 15.36 -31.11
CA ILE B 90 5.85 15.31 -30.65
C ILE B 90 5.04 14.34 -31.50
N TYR B 91 5.24 14.37 -32.82
CA TYR B 91 4.56 13.42 -33.70
C TYR B 91 4.86 11.98 -33.29
N GLU B 92 6.13 11.68 -33.03
CA GLU B 92 6.50 10.32 -32.65
C GLU B 92 5.76 9.90 -31.39
N LEU B 93 5.69 10.78 -30.39
CA LEU B 93 4.95 10.45 -29.18
C LEU B 93 3.45 10.33 -29.46
N LEU B 94 2.91 11.21 -30.30
CA LEU B 94 1.51 11.11 -30.67
C LEU B 94 1.25 9.87 -31.54
N LYS B 95 2.19 9.57 -32.44
CA LYS B 95 2.10 8.31 -33.18
C LYS B 95 2.20 7.12 -32.25
N PHE B 96 3.18 7.14 -31.34
CA PHE B 96 3.32 6.06 -30.37
C PHE B 96 2.03 5.85 -29.59
N ALA B 97 1.38 6.94 -29.17
CA ALA B 97 0.13 6.85 -28.43
C ALA B 97 -0.98 6.23 -29.26
N ASP B 98 -1.01 6.52 -30.57
CA ASP B 98 -2.02 5.93 -31.42
C ASP B 98 -1.75 4.44 -31.66
N ASP B 99 -0.49 4.02 -31.54
CA ASP B 99 -0.16 2.60 -31.69
C ASP B 99 -0.50 1.81 -30.44
N VAL B 100 -0.66 2.47 -29.29
CA VAL B 100 -0.79 1.77 -28.02
C VAL B 100 -2.23 1.33 -27.84
N LYS B 101 -2.42 0.02 -27.69
CA LYS B 101 -3.68 -0.54 -27.23
C LYS B 101 -3.61 -0.98 -25.78
N SER B 102 -2.64 -1.80 -25.41
CA SER B 102 -2.60 -2.35 -24.07
C SER B 102 -2.00 -1.34 -23.09
N TYR B 103 -2.54 -1.32 -21.88
CA TYR B 103 -2.00 -0.52 -20.79
C TYR B 103 -1.80 -1.41 -19.58
N LEU B 104 -0.98 -0.93 -18.64
CA LEU B 104 -0.70 -1.72 -17.44
C LEU B 104 -1.97 -1.96 -16.64
N GLU B 105 -2.90 -0.99 -16.65
CA GLU B 105 -4.15 -1.16 -15.93
C GLU B 105 -4.94 -2.36 -16.46
N ASP B 106 -4.85 -2.62 -17.77
CA ASP B 106 -5.54 -3.78 -18.34
C ASP B 106 -5.11 -5.08 -17.66
N LYS B 107 -3.88 -5.15 -17.15
CA LYS B 107 -3.45 -6.33 -16.40
C LYS B 107 -4.21 -6.43 -15.09
N GLY B 108 -4.48 -5.30 -14.45
CA GLY B 108 -5.22 -5.29 -13.19
C GLY B 108 -4.45 -5.96 -12.06
N ILE B 109 -5.11 -6.02 -10.91
CA ILE B 109 -4.62 -6.73 -9.73
C ILE B 109 -5.41 -8.01 -9.59
N ARG B 110 -4.72 -9.13 -9.52
CA ARG B 110 -5.35 -10.45 -9.44
C ARG B 110 -5.11 -11.07 -8.07
N ARG B 111 -6.13 -11.72 -7.53
CA ARG B 111 -6.00 -12.59 -6.37
C ARG B 111 -6.20 -14.02 -6.85
N GLU B 112 -5.10 -14.74 -7.02
CA GLU B 112 -5.16 -16.11 -7.52
C GLU B 112 -5.31 -17.05 -6.34
N SER B 113 -6.34 -17.89 -6.39
CA SER B 113 -6.52 -18.92 -5.36
C SER B 113 -5.43 -19.98 -5.49
N THR B 114 -4.98 -20.49 -4.35
CA THR B 114 -4.00 -21.56 -4.33
C THR B 114 -4.52 -22.69 -3.45
N ASN B 115 -4.02 -23.90 -3.69
CA ASN B 115 -4.54 -25.09 -3.06
C ASN B 115 -3.82 -25.44 -1.75
N GLU B 116 -3.27 -24.45 -1.06
CA GLU B 116 -2.55 -24.70 0.18
C GLU B 116 -3.28 -24.08 1.36
N GLU B 117 -3.10 -24.69 2.53
CA GLU B 117 -3.73 -24.25 3.76
C GLU B 117 -2.69 -24.10 4.84
N LEU B 118 -2.76 -22.99 5.59
CA LEU B 118 -1.86 -22.73 6.70
C LEU B 118 -2.65 -22.82 7.99
N TYR B 119 -2.77 -24.03 8.52
CA TYR B 119 -3.46 -24.30 9.78
C TYR B 119 -4.87 -23.71 9.75
N GLY B 120 -5.66 -24.18 8.80
CA GLY B 120 -7.03 -23.76 8.66
C GLY B 120 -7.24 -22.45 7.93
N PHE B 121 -6.19 -21.83 7.39
CA PHE B 121 -6.29 -20.58 6.67
C PHE B 121 -6.00 -20.84 5.20
N ASN B 122 -6.94 -20.46 4.32
CA ASN B 122 -6.70 -20.56 2.90
C ASN B 122 -5.67 -19.52 2.49
N ILE B 123 -4.69 -19.94 1.69
CA ILE B 123 -3.62 -19.08 1.22
C ILE B 123 -3.96 -18.60 -0.18
N TYR B 124 -3.73 -17.32 -0.44
CA TYR B 124 -3.91 -16.75 -1.76
C TYR B 124 -2.64 -16.02 -2.16
N GLU B 125 -2.62 -15.54 -3.41
CA GLU B 125 -1.52 -14.71 -3.89
C GLU B 125 -2.10 -13.53 -4.63
N ASP B 126 -1.71 -12.32 -4.22
CA ASP B 126 -2.06 -11.10 -4.94
C ASP B 126 -0.94 -10.76 -5.92
N VAL B 127 -1.30 -10.49 -7.16
CA VAL B 127 -0.35 -10.26 -8.23
C VAL B 127 -0.47 -8.81 -8.68
N TYR B 128 0.54 -7.99 -8.35
CA TYR B 128 0.55 -6.59 -8.73
C TYR B 128 1.48 -6.40 -9.91
N PRO B 129 1.04 -5.81 -11.02
CA PRO B 129 1.92 -5.66 -12.18
C PRO B 129 2.64 -4.32 -12.15
N VAL B 130 3.89 -4.32 -12.61
CA VAL B 130 4.70 -3.11 -12.65
C VAL B 130 5.45 -3.07 -13.97
N ALA B 131 5.52 -1.87 -14.55
CA ALA B 131 6.31 -1.64 -15.74
C ALA B 131 7.59 -0.93 -15.30
N LYS B 132 8.72 -1.36 -15.86
CA LYS B 132 10.02 -0.86 -15.46
C LYS B 132 10.86 -0.62 -16.71
N LYS B 133 11.58 0.50 -16.73
CA LYS B 133 12.47 0.80 -17.83
C LYS B 133 13.70 1.54 -17.30
N GLU B 134 14.88 1.11 -17.71
CA GLU B 134 16.13 1.76 -17.36
C GLU B 134 16.64 2.56 -18.55
N LEU B 135 17.20 3.74 -18.28
CA LEU B 135 17.80 4.56 -19.30
C LEU B 135 19.32 4.47 -19.22
N PRO B 136 20.03 4.63 -20.34
CA PRO B 136 21.50 4.46 -20.32
C PRO B 136 22.21 5.28 -19.26
N SER B 137 21.72 6.46 -18.91
CA SER B 137 22.38 7.28 -17.89
C SER B 137 22.12 6.78 -16.47
N GLY B 138 21.30 5.75 -16.28
CA GLY B 138 21.12 5.13 -14.98
C GLY B 138 19.78 5.38 -14.32
N GLU B 139 18.96 6.29 -14.82
CA GLU B 139 17.66 6.51 -14.21
C GLU B 139 16.72 5.36 -14.55
N PHE B 140 15.74 5.15 -13.67
CA PHE B 140 14.72 4.14 -13.86
C PHE B 140 13.36 4.80 -13.90
N ILE B 141 12.46 4.27 -14.72
CA ILE B 141 11.07 4.72 -14.76
C ILE B 141 10.19 3.54 -14.36
N GLY B 142 9.41 3.71 -13.32
CA GLY B 142 8.51 2.67 -12.84
C GLY B 142 7.07 3.10 -12.99
N ILE B 143 6.21 2.14 -13.32
CA ILE B 143 4.77 2.35 -13.37
C ILE B 143 4.12 1.27 -12.51
N VAL B 144 3.33 1.68 -11.53
CA VAL B 144 2.74 0.75 -10.59
C VAL B 144 1.23 0.92 -10.61
N LEU B 145 0.53 -0.18 -10.33
CA LEU B 145 -0.92 -0.23 -10.34
C LEU B 145 -1.44 -0.35 -8.92
N LYS B 146 -2.49 0.41 -8.61
CA LYS B 146 -3.15 0.32 -7.32
C LYS B 146 -4.66 0.40 -7.51
N HIS B 147 -5.37 -0.29 -6.62
CA HIS B 147 -6.82 -0.18 -6.61
C HIS B 147 -7.21 1.28 -6.52
N ALA B 148 -8.14 1.69 -7.37
CA ALA B 148 -8.66 3.04 -7.30
C ALA B 148 -9.21 3.26 -5.91
N GLN B 149 -8.57 4.12 -5.14
CA GLN B 149 -9.12 4.47 -3.84
C GLN B 149 -10.42 5.23 -4.03
N ARG B 150 -11.38 5.01 -3.13
CA ARG B 150 -12.73 5.61 -3.11
C ARG B 150 -13.68 5.05 -4.16
N ALA B 151 -13.17 4.48 -5.25
CA ALA B 151 -14.01 4.05 -6.36
C ALA B 151 -13.60 2.66 -6.81
N VAL B 152 -14.42 2.06 -7.67
CA VAL B 152 -14.06 0.79 -8.27
C VAL B 152 -13.23 1.06 -9.51
N GLY B 153 -12.13 0.32 -9.66
CA GLY B 153 -11.23 0.49 -10.77
C GLY B 153 -9.79 0.48 -10.30
N TYR B 154 -8.92 1.08 -11.09
CA TYR B 154 -7.50 1.10 -10.78
C TYR B 154 -6.96 2.53 -10.87
N GLN B 155 -5.79 2.72 -10.30
CA GLN B 155 -5.07 3.98 -10.39
C GLN B 155 -3.60 3.65 -10.65
N SER B 156 -3.03 4.26 -11.67
CA SER B 156 -1.65 3.98 -12.07
C SER B 156 -0.77 5.18 -11.73
N MET B 157 0.43 4.91 -11.22
CA MET B 157 1.35 5.98 -10.85
C MET B 157 2.71 5.75 -11.49
N VAL B 158 3.30 6.85 -11.94
CA VAL B 158 4.60 6.84 -12.59
C VAL B 158 5.64 7.34 -11.60
N TYR B 159 6.74 6.60 -11.47
CA TYR B 159 7.88 6.96 -10.64
C TYR B 159 9.11 7.10 -11.53
N VAL B 160 9.99 8.02 -11.15
CA VAL B 160 11.32 8.12 -11.75
C VAL B 160 12.34 8.04 -10.62
N CYS B 161 13.35 7.20 -10.80
CA CYS B 161 14.39 6.96 -9.80
C CYS B 161 15.71 7.47 -10.34
N ILE B 162 16.25 8.51 -9.71
CA ILE B 162 17.44 9.22 -10.16
C ILE B 162 18.59 8.87 -9.23
N PRO B 163 19.66 8.26 -9.72
CA PRO B 163 20.81 7.96 -8.84
C PRO B 163 21.39 9.23 -8.25
N LEU B 164 21.82 9.14 -6.98
CA LEU B 164 22.46 10.28 -6.34
C LEU B 164 23.75 10.68 -7.03
N THR B 165 24.37 9.74 -7.76
CA THR B 165 25.54 10.07 -8.57
C THR B 165 25.22 11.10 -9.64
N ASN B 166 23.99 11.09 -10.15
CA ASN B 166 23.61 11.96 -11.26
C ASN B 166 23.05 13.31 -10.82
N VAL B 167 23.25 13.70 -9.56
CA VAL B 167 22.82 15.01 -9.10
C VAL B 167 23.99 15.72 -8.43
N GLU B 168 23.91 17.05 -8.42
CA GLU B 168 24.91 17.91 -7.81
C GLU B 168 24.30 18.69 -6.65
N PRO B 169 25.08 18.98 -5.60
CA PRO B 169 26.48 18.58 -5.44
C PRO B 169 26.61 17.13 -4.98
N SER B 170 27.83 16.60 -5.01
CA SER B 170 28.07 15.25 -4.52
C SER B 170 27.83 15.17 -3.02
N LEU B 171 27.03 14.20 -2.61
CA LEU B 171 26.70 14.01 -1.21
C LEU B 171 27.65 13.06 -0.49
N ALA B 172 28.75 12.69 -1.13
CA ALA B 172 29.64 11.67 -0.58
C ALA B 172 30.33 12.18 0.67
N GLY B 173 30.45 11.29 1.66
CA GLY B 173 31.06 11.62 2.94
C GLY B 173 30.45 12.83 3.62
N ARG B 174 29.12 12.87 3.72
CA ARG B 174 28.42 14.08 4.12
C ARG B 174 26.96 13.74 4.42
N VAL B 175 26.41 14.44 5.40
CA VAL B 175 24.97 14.39 5.67
C VAL B 175 24.32 15.56 4.97
N ALA B 176 23.05 15.38 4.58
CA ALA B 176 22.34 16.42 3.84
C ALA B 176 22.17 17.67 4.70
N ARG B 177 22.01 18.80 4.03
CA ARG B 177 21.79 20.08 4.68
C ARG B 177 20.29 20.32 4.88
N ARG B 178 19.98 21.39 5.61
CA ARG B 178 18.60 21.62 6.03
C ARG B 178 17.80 22.26 4.89
N ASN B 179 16.66 21.64 4.55
CA ASN B 179 15.92 22.01 3.36
C ASN B 179 16.82 21.95 2.13
N GLU B 180 17.74 20.98 2.13
CA GLU B 180 18.72 20.88 1.05
C GLU B 180 18.03 20.45 -0.24
N VAL B 181 18.42 21.10 -1.33
CA VAL B 181 17.90 20.81 -2.67
C VAL B 181 19.08 20.53 -3.59
N VAL B 182 18.90 19.56 -4.49
CA VAL B 182 19.99 19.08 -5.34
C VAL B 182 19.74 19.49 -6.79
N LYS B 183 20.84 19.57 -7.54
CA LYS B 183 20.81 19.91 -8.96
C LYS B 183 20.62 18.64 -9.79
N TYR B 184 19.61 18.62 -10.65
CA TYR B 184 19.49 17.52 -11.61
C TYR B 184 19.08 18.07 -12.97
N GLU B 185 19.94 17.87 -13.96
CA GLU B 185 19.64 18.21 -15.35
C GLU B 185 18.93 17.03 -15.99
N VAL B 186 17.71 17.28 -16.48
CA VAL B 186 16.86 16.21 -17.01
C VAL B 186 17.25 15.90 -18.45
N PRO B 187 17.68 14.68 -18.75
CA PRO B 187 18.01 14.35 -20.14
C PRO B 187 16.75 14.31 -20.99
N VAL B 188 16.91 14.65 -22.27
CA VAL B 188 15.78 14.79 -23.17
C VAL B 188 15.00 13.48 -23.27
N ASP B 189 15.71 12.35 -23.37
CA ASP B 189 15.01 11.07 -23.50
C ASP B 189 14.29 10.69 -22.22
N LEU B 190 14.73 11.20 -21.07
CA LEU B 190 13.98 10.98 -19.84
C LEU B 190 12.61 11.63 -19.92
N MET B 191 12.53 12.85 -20.46
CA MET B 191 11.24 13.50 -20.64
C MET B 191 10.33 12.69 -21.56
N LYS B 192 10.88 12.19 -22.67
CA LYS B 192 10.05 11.46 -23.63
C LYS B 192 9.64 10.09 -23.09
N GLU B 193 10.54 9.43 -22.37
CA GLU B 193 10.19 8.15 -21.77
C GLU B 193 9.20 8.32 -20.63
N LEU B 194 9.25 9.43 -19.91
CA LEU B 194 8.24 9.67 -18.88
C LEU B 194 6.86 9.84 -19.50
N LEU B 195 6.78 10.55 -20.64
CA LEU B 195 5.49 10.67 -21.32
C LEU B 195 5.00 9.31 -21.82
N LYS B 196 5.87 8.53 -22.46
CA LYS B 196 5.47 7.19 -22.90
C LYS B 196 5.05 6.32 -21.73
N ALA B 197 5.65 6.54 -20.55
CA ALA B 197 5.19 5.83 -19.36
C ALA B 197 3.74 6.15 -19.05
N PHE B 198 3.37 7.43 -19.12
CA PHE B 198 1.97 7.81 -18.86
C PHE B 198 1.07 7.30 -19.96
N ILE B 199 1.55 7.34 -21.21
CA ILE B 199 0.74 6.87 -22.33
C ILE B 199 0.37 5.40 -22.17
N ILE B 200 1.29 4.60 -21.62
CA ILE B 200 1.03 3.17 -21.44
C ILE B 200 0.47 2.83 -20.06
N ALA B 201 0.41 3.80 -19.14
CA ALA B 201 -0.12 3.54 -17.81
C ALA B 201 -1.60 3.14 -17.88
N SER B 202 -2.42 3.94 -18.54
CA SER B 202 -3.84 3.67 -18.67
C SER B 202 -4.41 4.55 -19.77
N GLU B 203 -5.55 4.13 -20.32
CA GLU B 203 -6.21 4.91 -21.36
C GLU B 203 -6.48 6.32 -20.88
N THR B 204 -6.88 6.48 -19.61
CA THR B 204 -7.18 7.80 -19.07
C THR B 204 -5.95 8.71 -19.14
N HIS B 205 -4.80 8.22 -18.66
CA HIS B 205 -3.59 9.00 -18.76
C HIS B 205 -3.21 9.27 -20.21
N LYS B 206 -3.39 8.27 -21.08
CA LYS B 206 -2.99 8.42 -22.48
C LYS B 206 -3.75 9.54 -23.16
N ASN B 207 -5.09 9.51 -23.08
CA ASN B 207 -5.90 10.59 -23.63
C ASN B 207 -5.50 11.92 -23.00
N ASP B 208 -5.06 11.89 -21.74
CA ASP B 208 -4.58 13.09 -21.10
C ASP B 208 -3.28 13.58 -21.72
N ILE B 209 -2.36 12.65 -22.00
CA ILE B 209 -1.11 13.03 -22.64
C ILE B 209 -1.36 13.49 -24.08
N VAL B 210 -2.21 12.77 -24.81
CA VAL B 210 -2.50 13.13 -26.20
C VAL B 210 -3.14 14.51 -26.28
N LYS B 211 -4.01 14.84 -25.32
CA LYS B 211 -4.64 16.15 -25.32
C LYS B 211 -3.62 17.26 -25.13
N PHE B 212 -2.63 17.02 -24.26
CA PHE B 212 -1.59 18.02 -24.02
C PHE B 212 -0.63 18.14 -25.20
N LEU B 213 -0.20 17.02 -25.77
CA LEU B 213 0.72 17.09 -26.90
C LEU B 213 0.07 17.69 -28.13
N ARG B 214 -1.23 17.45 -28.33
CA ARG B 214 -1.94 18.12 -29.42
C ARG B 214 -2.06 19.61 -29.18
N SER B 215 -1.92 20.07 -27.93
CA SER B 215 -2.09 21.48 -27.62
C SER B 215 -0.86 22.30 -28.00
N ILE B 216 0.33 21.70 -27.99
CA ILE B 216 1.57 22.42 -28.25
C ILE B 216 2.17 22.05 -29.60
N ILE B 217 1.47 21.24 -30.40
CA ILE B 217 1.96 20.86 -31.72
C ILE B 217 1.26 21.69 -32.80
#